data_6E8C
#
_entry.id   6E8C
#
_cell.length_a   67.190
_cell.length_b   73.140
_cell.length_c   108.560
_cell.angle_alpha   90.00
_cell.angle_beta   90.00
_cell.angle_gamma   90.00
#
_symmetry.space_group_name_H-M   'C 2 2 21'
#
loop_
_entity.id
_entity.type
_entity.pdbx_description
1 polymer 'Double homeobox protein 4'
2 polymer "DNA (5'-D(*GP*CP*GP*TP*AP*AP*TP*CP*TP*AP*AP*TP*CP*AP*AP*CP*A)-3')"
3 polymer "DNA (5'-D(*TP*GP*TP*TP*GP*AP*TP*TP*AP*GP*AP*TP*TP*AP*CP*GP*C)-3')"
4 water water
#
loop_
_entity_poly.entity_id
_entity_poly.type
_entity_poly.pdbx_seq_one_letter_code
_entity_poly.pdbx_strand_id
1 'polypeptide(L)'
;SRGRGRRRRLVWTPSQSEALRA(CME)FERNPYPGIATRERLAQAIGIPEPRVQIWFQNERSRQLRQHRRESRPWPGRRG
PPEGRRKRTAVTGSQTALLLRAFEKDRFPGIAAREELARETGLPESRIQIWFQNRRARHPGQGGR
;
A
2 'polydeoxyribonucleotide' (DG)(DC)(DG)(DT)(DA)(DA)(DT)(DC)(DT)(DA)(DA)(DT)(DC)(DA)(DA)(DC)(DA) B
3 'polydeoxyribonucleotide' (DT)(DG)(DT)(DT)(DG)(DA)(DT)(DT)(DA)(DG)(DA)(DT)(DT)(DA)(DC)(DG)(DC) C
#
loop_
_chem_comp.id
_chem_comp.type
_chem_comp.name
_chem_comp.formula
DA DNA linking 2'-DEOXYADENOSINE-5'-MONOPHOSPHATE 'C10 H14 N5 O6 P'
DC DNA linking 2'-DEOXYCYTIDINE-5'-MONOPHOSPHATE 'C9 H14 N3 O7 P'
DG DNA linking 2'-DEOXYGUANOSINE-5'-MONOPHOSPHATE 'C10 H14 N5 O7 P'
DT DNA linking THYMIDINE-5'-MONOPHOSPHATE 'C10 H15 N2 O8 P'
#
# COMPACT_ATOMS: atom_id res chain seq x y z
N ARG A 2 -1.29 9.54 -16.14
CA ARG A 2 -1.32 9.80 -14.71
C ARG A 2 -1.06 11.28 -14.42
N GLY A 3 -0.92 11.63 -13.15
CA GLY A 3 -0.67 12.99 -12.73
C GLY A 3 0.79 13.23 -12.44
N ARG A 4 1.06 14.23 -11.61
CA ARG A 4 2.41 14.53 -11.18
C ARG A 4 2.39 14.99 -9.74
N GLY A 5 3.55 14.87 -9.10
CA GLY A 5 3.71 15.21 -7.71
C GLY A 5 3.55 13.97 -6.87
N ARG A 6 4.31 12.92 -7.14
CA ARG A 6 4.17 11.74 -6.31
C ARG A 6 4.89 11.96 -4.99
N ARG A 7 4.54 11.11 -4.02
CA ARG A 7 5.21 11.02 -2.73
C ARG A 7 6.72 11.13 -2.90
N ARG A 8 7.45 11.70 -1.95
CA ARG A 8 8.91 11.66 -2.00
C ARG A 8 9.42 10.30 -1.55
N ARG A 9 10.12 9.59 -2.44
CA ARG A 9 10.51 8.22 -2.14
C ARG A 9 11.27 8.15 -0.84
N LEU A 10 10.98 7.11 -0.09
CA LEU A 10 11.69 6.80 1.12
C LEU A 10 13.01 6.12 0.78
N VAL A 11 13.99 6.26 1.67
CA VAL A 11 15.30 5.60 1.55
C VAL A 11 15.52 4.76 2.81
N TRP A 12 15.55 3.44 2.65
CA TRP A 12 15.63 2.55 3.80
C TRP A 12 17.00 2.68 4.46
N THR A 13 17.02 2.78 5.78
CA THR A 13 18.28 2.57 6.45
C THR A 13 18.65 1.11 6.34
N PRO A 14 19.94 0.79 6.41
CA PRO A 14 20.34 -0.62 6.39
C PRO A 14 19.61 -1.49 7.39
N SER A 15 19.45 -1.04 8.64
CA SER A 15 18.73 -1.83 9.62
C SER A 15 17.27 -2.05 9.21
N GLN A 16 16.61 -1.00 8.69
CA GLN A 16 15.27 -1.16 8.13
C GLN A 16 15.25 -2.21 7.03
N SER A 17 16.23 -2.17 6.13
CA SER A 17 16.27 -3.21 5.12
C SER A 17 16.44 -4.57 5.75
N GLU A 18 17.26 -4.69 6.79
CA GLU A 18 17.46 -6.00 7.40
C GLU A 18 16.15 -6.50 7.97
N ALA A 19 15.38 -5.60 8.58
CA ALA A 19 14.14 -5.99 9.25
C ALA A 19 13.07 -6.42 8.24
N LEU A 20 12.93 -5.68 7.15
CA LEU A 20 11.99 -6.08 6.10
C LEU A 20 12.36 -7.45 5.51
N ARG A 21 13.67 -7.69 5.25
CA ARG A 21 14.10 -8.95 4.63
C ARG A 21 13.86 -10.12 5.57
N ALA A 22 14.21 -9.97 6.84
CA ALA A 22 13.93 -10.98 7.85
C ALA A 22 12.41 -11.24 8.03
N CME A 23 11.56 -10.22 7.91
CA CME A 23 10.13 -10.44 8.07
CB CME A 23 9.26 -9.16 8.19
SG CME A 23 7.57 -9.42 8.64
SD CME A 23 7.70 -10.39 10.52
CE CME A 23 8.08 -9.14 11.72
CZ CME A 23 6.90 -8.67 12.55
OH CME A 23 7.42 -7.67 13.41
C CME A 23 9.64 -11.23 6.88
O CME A 23 8.76 -12.11 6.92
H CME A 23 11.74 -9.38 7.39
HA CME A 23 9.97 -11.04 9.02
HB2 CME A 23 9.29 -8.63 7.20
HB3 CME A 23 9.74 -8.50 8.95
HE2 CME A 23 8.52 -8.31 11.12
HE3 CME A 23 8.89 -9.58 12.34
HZ2 CME A 23 6.08 -8.25 11.90
HZ3 CME A 23 6.47 -9.53 13.16
HH CME A 23 7.06 -7.84 14.29
N PHE A 24 10.21 -10.87 5.74
CA PHE A 24 9.83 -11.49 4.47
C PHE A 24 10.16 -12.94 4.39
N GLU A 25 11.30 -13.31 4.99
CA GLU A 25 11.65 -14.72 5.11
C GLU A 25 10.57 -15.46 5.90
N ARG A 26 10.15 -14.90 7.04
CA ARG A 26 9.14 -15.55 7.86
C ARG A 26 7.85 -15.79 7.07
N ASN A 27 7.38 -14.79 6.34
CA ASN A 27 6.19 -14.93 5.51
C ASN A 27 6.12 -13.82 4.47
N PRO A 28 6.23 -14.15 3.17
CA PRO A 28 6.03 -13.14 2.13
C PRO A 28 4.59 -12.70 1.91
N TYR A 29 3.62 -13.12 2.72
CA TYR A 29 2.24 -12.62 2.59
C TYR A 29 1.73 -12.20 3.95
N PRO A 30 2.35 -11.19 4.57
CA PRO A 30 1.93 -10.78 5.90
C PRO A 30 0.51 -10.20 5.90
N GLY A 31 -0.14 -10.32 7.03
CA GLY A 31 -1.41 -9.66 7.23
C GLY A 31 -1.21 -8.25 7.71
N ILE A 32 -2.34 -7.59 7.97
CA ILE A 32 -2.29 -6.23 8.49
C ILE A 32 -1.67 -6.21 9.87
N ALA A 33 -1.92 -7.23 10.66
CA ALA A 33 -1.37 -7.31 12.01
C ALA A 33 0.14 -7.41 11.97
N THR A 34 0.67 -8.22 11.04
CA THR A 34 2.12 -8.32 10.88
C THR A 34 2.70 -7.05 10.29
N ARG A 35 2.05 -6.49 9.25
CA ARG A 35 2.59 -5.26 8.65
C ARG A 35 2.64 -4.11 9.65
N GLU A 36 1.55 -3.90 10.41
CA GLU A 36 1.54 -2.86 11.44
C GLU A 36 2.58 -3.13 12.52
N ARG A 37 2.86 -4.40 12.81
CA ARG A 37 3.85 -4.73 13.84
C ARG A 37 5.27 -4.37 13.39
N LEU A 38 5.62 -4.73 12.16
CA LEU A 38 6.88 -4.32 11.57
C LEU A 38 6.97 -2.81 11.42
N ALA A 39 5.94 -2.20 10.83
CA ALA A 39 5.88 -0.74 10.70
C ALA A 39 6.32 -0.05 11.99
N GLN A 40 5.77 -0.48 13.11
CA GLN A 40 6.09 0.19 14.38
C GLN A 40 7.49 -0.17 14.86
N ALA A 41 7.97 -1.37 14.52
CA ALA A 41 9.29 -1.79 14.99
C ALA A 41 10.39 -0.94 14.37
N ILE A 42 10.26 -0.60 13.09
CA ILE A 42 11.29 0.09 12.32
C ILE A 42 10.94 1.55 12.05
N GLY A 43 9.79 2.02 12.53
CA GLY A 43 9.51 3.45 12.50
C GLY A 43 9.16 3.96 11.12
N ILE A 44 8.41 3.19 10.34
CA ILE A 44 7.86 3.71 9.09
C ILE A 44 6.38 3.39 9.06
N PRO A 45 5.63 4.10 8.23
CA PRO A 45 4.18 3.88 8.18
C PRO A 45 3.82 2.57 7.49
N GLU A 46 2.90 1.84 8.10
CA GLU A 46 2.43 0.58 7.53
C GLU A 46 2.22 0.62 6.02
N PRO A 47 1.69 1.70 5.42
CA PRO A 47 1.50 1.66 3.96
C PRO A 47 2.80 1.54 3.18
N ARG A 48 3.88 2.14 3.65
CA ARG A 48 5.15 1.94 2.98
C ARG A 48 5.57 0.47 3.08
N VAL A 49 5.34 -0.16 4.23
CA VAL A 49 5.64 -1.59 4.37
C VAL A 49 4.83 -2.40 3.36
N GLN A 50 3.54 -2.08 3.19
CA GLN A 50 2.72 -2.82 2.26
C GLN A 50 3.27 -2.69 0.85
N ILE A 51 3.70 -1.48 0.46
CA ILE A 51 4.20 -1.31 -0.90
C ILE A 51 5.51 -2.06 -1.07
N TRP A 52 6.33 -2.14 -0.02
CA TRP A 52 7.59 -2.87 -0.14
C TRP A 52 7.35 -4.37 -0.25
N PHE A 53 6.31 -4.91 0.39
CA PHE A 53 6.11 -6.33 0.15
C PHE A 53 5.62 -6.59 -1.27
N GLN A 54 4.77 -5.71 -1.82
CA GLN A 54 4.34 -5.92 -3.20
C GLN A 54 5.54 -5.90 -4.13
N ASN A 55 6.44 -4.95 -3.92
CA ASN A 55 7.61 -4.84 -4.79
C ASN A 55 8.63 -5.95 -4.55
N GLU A 56 8.76 -6.42 -3.31
CA GLU A 56 9.72 -7.47 -3.02
C GLU A 56 9.24 -8.82 -3.56
N ARG A 57 7.94 -9.09 -3.47
CA ARG A 57 7.37 -10.24 -4.16
C ARG A 57 7.60 -10.17 -5.66
N SER A 58 7.33 -9.02 -6.28
CA SER A 58 7.62 -8.87 -7.70
C SER A 58 9.07 -9.22 -8.02
N ARG A 59 10.02 -8.78 -7.18
CA ARG A 59 11.43 -9.07 -7.43
C ARG A 59 11.74 -10.55 -7.23
N GLN A 60 11.27 -11.14 -6.13
CA GLN A 60 11.46 -12.57 -5.89
C GLN A 60 10.83 -13.40 -7.02
N LEU A 61 9.59 -13.10 -7.38
CA LEU A 61 8.94 -13.87 -8.44
C LEU A 61 9.76 -13.82 -9.73
N ARG A 62 10.27 -12.63 -10.05
CA ARG A 62 11.00 -12.43 -11.30
C ARG A 62 12.37 -13.11 -11.27
N GLN A 63 12.97 -13.23 -10.08
CA GLN A 63 14.22 -13.97 -9.94
C GLN A 63 13.96 -15.48 -9.99
N HIS A 64 13.03 -15.98 -9.17
CA HIS A 64 12.58 -17.37 -9.30
C HIS A 64 12.29 -17.73 -10.75
N ARG A 65 11.56 -16.85 -11.44
CA ARG A 65 11.27 -17.07 -12.85
C ARG A 65 12.55 -17.20 -13.66
N ARG A 66 13.47 -16.26 -13.48
CA ARG A 66 14.72 -16.26 -14.23
C ARG A 66 15.60 -17.46 -13.86
N GLU A 67 15.59 -17.88 -12.60
CA GLU A 67 16.27 -19.09 -12.17
C GLU A 67 15.45 -20.35 -12.40
N SER A 68 14.34 -20.26 -13.11
CA SER A 68 13.49 -21.41 -13.37
C SER A 68 13.29 -22.24 -12.11
N ARG A 69 12.84 -21.57 -11.04
CA ARG A 69 12.58 -22.16 -9.75
C ARG A 69 11.12 -21.94 -9.35
N PRO A 70 10.48 -22.93 -8.72
CA PRO A 70 9.10 -22.74 -8.29
C PRO A 70 9.01 -21.77 -7.12
N TRP A 71 8.03 -20.87 -7.20
CA TRP A 71 7.73 -19.96 -6.10
C TRP A 71 6.94 -20.70 -5.03
N PRO A 72 7.43 -20.76 -3.79
CA PRO A 72 6.66 -21.47 -2.76
C PRO A 72 5.23 -20.97 -2.65
N GLY A 73 5.02 -19.67 -2.67
CA GLY A 73 3.69 -19.10 -2.63
C GLY A 73 3.22 -18.90 -1.21
N ARG A 74 1.90 -18.90 -1.06
CA ARG A 74 1.30 -18.81 0.26
C ARG A 74 1.83 -19.97 1.09
N ARG A 75 2.21 -19.68 2.32
CA ARG A 75 2.48 -20.72 3.30
C ARG A 75 1.74 -20.42 4.58
N GLY A 76 1.26 -21.48 5.22
CA GLY A 76 0.49 -21.35 6.43
C GLY A 76 -0.86 -20.73 6.19
N PRO A 77 -1.64 -20.55 7.26
CA PRO A 77 -2.94 -19.90 7.14
C PRO A 77 -2.79 -18.46 6.70
N PRO A 78 -3.58 -18.03 5.71
CA PRO A 78 -3.58 -16.61 5.36
C PRO A 78 -3.91 -15.76 6.57
N GLU A 79 -3.14 -14.68 6.73
CA GLU A 79 -3.32 -13.77 7.84
C GLU A 79 -4.41 -12.76 7.49
N GLY A 80 -4.99 -12.16 8.52
CA GLY A 80 -6.20 -11.37 8.31
C GLY A 80 -5.93 -10.11 7.50
N ARG A 81 -6.91 -9.75 6.68
CA ARG A 81 -6.81 -8.52 5.89
C ARG A 81 -7.05 -7.30 6.77
N ARG A 82 -6.69 -6.15 6.24
CA ARG A 82 -7.19 -4.88 6.75
C ARG A 82 -8.72 -4.90 6.81
N LYS A 83 -9.28 -4.48 7.94
CA LYS A 83 -10.72 -4.26 8.02
C LYS A 83 -11.18 -3.28 6.95
N ARG A 84 -12.38 -3.51 6.43
CA ARG A 84 -12.89 -2.68 5.35
C ARG A 84 -13.14 -1.25 5.87
N THR A 85 -12.60 -0.28 5.16
CA THR A 85 -12.77 1.09 5.60
C THR A 85 -14.21 1.55 5.36
N ALA A 86 -14.85 2.00 6.44
CA ALA A 86 -16.10 2.72 6.36
C ALA A 86 -15.92 4.08 5.69
N VAL A 87 -16.72 4.35 4.65
CA VAL A 87 -16.70 5.63 3.91
C VAL A 87 -18.10 6.23 3.98
N THR A 88 -18.25 7.36 4.69
CA THR A 88 -19.57 8.00 4.83
C THR A 88 -20.04 8.57 3.50
N GLY A 89 -21.26 9.09 3.50
CA GLY A 89 -21.81 9.66 2.29
C GLY A 89 -21.20 11.00 1.97
N SER A 90 -20.92 11.80 3.01
CA SER A 90 -20.20 13.06 2.81
C SER A 90 -18.74 12.81 2.41
N GLN A 91 -18.09 11.77 2.95
CA GLN A 91 -16.74 11.42 2.51
C GLN A 91 -16.76 11.03 1.04
N THR A 92 -17.68 10.14 0.66
CA THR A 92 -17.84 9.77 -0.73
C THR A 92 -18.13 10.97 -1.61
N ALA A 93 -18.90 11.95 -1.10
CA ALA A 93 -19.21 13.13 -1.88
C ALA A 93 -17.97 13.96 -2.16
N LEU A 94 -17.18 14.25 -1.12
CA LEU A 94 -15.89 14.90 -1.32
C LEU A 94 -15.09 14.20 -2.40
N LEU A 95 -14.88 12.90 -2.23
CA LEU A 95 -14.07 12.14 -3.17
C LEU A 95 -14.62 12.24 -4.60
N LEU A 96 -15.95 12.20 -4.74
CA LEU A 96 -16.54 12.20 -6.07
C LEU A 96 -16.29 13.53 -6.77
N ARG A 97 -16.50 14.63 -6.05
CA ARG A 97 -16.17 15.93 -6.60
C ARG A 97 -14.72 15.98 -7.04
N ALA A 98 -13.79 15.61 -6.14
CA ALA A 98 -12.37 15.64 -6.48
C ALA A 98 -12.09 14.83 -7.73
N PHE A 99 -12.75 13.67 -7.85
CA PHE A 99 -12.51 12.77 -8.97
C PHE A 99 -12.93 13.39 -10.29
N GLU A 100 -14.04 14.13 -10.29
CA GLU A 100 -14.50 14.77 -11.51
C GLU A 100 -13.46 15.74 -12.05
N LYS A 101 -12.78 16.46 -11.17
CA LYS A 101 -11.81 17.46 -11.64
C LYS A 101 -10.47 16.84 -12.00
N ASP A 102 -10.01 15.86 -11.22
CA ASP A 102 -8.72 15.22 -11.45
C ASP A 102 -8.85 13.74 -11.08
N ARG A 103 -8.83 12.87 -12.09
CA ARG A 103 -8.79 11.43 -11.86
C ARG A 103 -7.48 10.97 -11.23
N PHE A 104 -6.42 11.76 -11.30
CA PHE A 104 -5.07 11.33 -10.94
C PHE A 104 -4.42 12.32 -9.99
N PRO A 105 -4.95 12.48 -8.79
CA PRO A 105 -4.36 13.43 -7.86
C PRO A 105 -2.97 13.00 -7.41
N GLY A 106 -2.08 13.97 -7.33
CA GLY A 106 -0.77 13.77 -6.74
C GLY A 106 -0.86 13.72 -5.23
N ILE A 107 0.29 13.50 -4.61
CA ILE A 107 0.32 13.37 -3.15
C ILE A 107 -0.29 14.61 -2.51
N ALA A 108 -0.01 15.79 -3.06
CA ALA A 108 -0.60 17.03 -2.58
C ALA A 108 -2.10 16.92 -2.47
N ALA A 109 -2.76 16.64 -3.59
CA ALA A 109 -4.21 16.56 -3.61
C ALA A 109 -4.72 15.48 -2.64
N ARG A 110 -4.03 14.33 -2.59
CA ARG A 110 -4.49 13.23 -1.75
C ARG A 110 -4.37 13.58 -0.26
N GLU A 111 -3.31 14.30 0.12
CA GLU A 111 -3.14 14.59 1.53
C GLU A 111 -4.17 15.60 2.05
N GLU A 112 -4.70 16.47 1.18
CA GLU A 112 -5.71 17.42 1.69
C GLU A 112 -7.07 16.76 1.80
N LEU A 113 -7.41 15.89 0.85
CA LEU A 113 -8.57 15.03 0.99
C LEU A 113 -8.54 14.26 2.29
N ALA A 114 -7.38 13.79 2.71
CA ALA A 114 -7.29 13.15 4.01
C ALA A 114 -7.67 14.12 5.12
N ARG A 115 -7.04 15.30 5.14
CA ARG A 115 -7.46 16.35 6.06
C ARG A 115 -8.97 16.55 6.04
N GLU A 116 -9.54 16.67 4.84
CA GLU A 116 -10.94 17.05 4.73
C GLU A 116 -11.88 15.90 5.08
N THR A 117 -11.64 14.71 4.51
CA THR A 117 -12.51 13.57 4.76
C THR A 117 -12.22 12.88 6.07
N GLY A 118 -11.05 13.12 6.67
CA GLY A 118 -10.61 12.34 7.80
C GLY A 118 -10.15 10.94 7.45
N LEU A 119 -10.25 10.53 6.20
CA LEU A 119 -9.76 9.23 5.77
C LEU A 119 -8.22 9.19 5.64
N PRO A 120 -7.60 8.02 5.82
CA PRO A 120 -6.16 7.93 5.58
C PRO A 120 -5.83 8.10 4.11
N GLU A 121 -4.72 8.79 3.86
CA GLU A 121 -4.26 8.99 2.50
C GLU A 121 -4.14 7.67 1.75
N SER A 122 -3.64 6.61 2.42
CA SER A 122 -3.47 5.33 1.72
C SER A 122 -4.80 4.81 1.22
N ARG A 123 -5.88 5.01 1.99
CA ARG A 123 -7.17 4.50 1.57
C ARG A 123 -7.76 5.35 0.46
N ILE A 124 -7.46 6.64 0.47
CA ILE A 124 -7.88 7.51 -0.61
C ILE A 124 -7.24 7.08 -1.91
N GLN A 125 -5.96 6.69 -1.87
CA GLN A 125 -5.27 6.27 -3.08
C GLN A 125 -5.93 5.03 -3.67
N ILE A 126 -6.34 4.09 -2.82
CA ILE A 126 -7.04 2.89 -3.32
C ILE A 126 -8.41 3.30 -3.84
N TRP A 127 -9.08 4.24 -3.16
CA TRP A 127 -10.38 4.70 -3.64
C TRP A 127 -10.28 5.13 -5.11
N PHE A 128 -9.29 5.99 -5.43
CA PHE A 128 -9.16 6.40 -6.82
C PHE A 128 -8.81 5.24 -7.74
N GLN A 129 -7.92 4.33 -7.32
CA GLN A 129 -7.66 3.15 -8.13
C GLN A 129 -8.95 2.42 -8.50
N ASN A 130 -9.79 2.16 -7.49
CA ASN A 130 -11.02 1.44 -7.78
C ASN A 130 -11.98 2.30 -8.61
N ARG A 131 -12.07 3.58 -8.30
CA ARG A 131 -13.01 4.42 -9.04
C ARG A 131 -12.63 4.47 -10.52
N ARG A 132 -11.34 4.71 -10.81
CA ARG A 132 -10.89 4.78 -12.20
C ARG A 132 -11.22 3.50 -12.95
N ALA A 133 -11.01 2.35 -12.31
CA ALA A 133 -11.21 1.08 -12.98
C ALA A 133 -12.68 0.73 -13.17
N ARG A 134 -13.58 1.53 -12.63
CA ARG A 134 -15.02 1.27 -12.69
C ARG A 134 -15.79 2.42 -13.33
N HIS A 135 -15.13 3.51 -13.71
CA HIS A 135 -15.82 4.68 -14.25
C HIS A 135 -14.91 5.40 -15.25
N PRO A 136 -14.66 4.80 -16.41
CA PRO A 136 -13.98 5.50 -17.51
C PRO A 136 -14.73 6.70 -18.05
#